data_1XH2
#
_entry.id   1XH2
#
_cell.length_a   53.135
_cell.length_b   69.392
_cell.length_c   132.447
_cell.angle_alpha   90.00
_cell.angle_beta   90.00
_cell.angle_gamma   90.00
#
_symmetry.space_group_name_H-M   'P 21 21 21'
#
loop_
_entity.id
_entity.type
_entity.pdbx_description
1 polymer 'Alpha-amylase, pancreatic'
2 non-polymer 2-acetamido-2-deoxy-beta-D-glucopyranose
3 non-polymer 'ACARBOSE DERIVED PENTASACCHARIDE'
4 non-polymer 'CALCIUM ION'
5 non-polymer 'CHLORIDE ION'
6 water water
#
_entity_poly.entity_id   1
_entity_poly.type   'polypeptide(L)'
_entity_poly.pdbx_seq_one_letter_code
;(PCA)YSPNTQQGRTSIVHLFEWRWVDIALECERYLAPKGFGGVQVSPPNENVAIYNPFRPWWERYQPVSYKLCTRSGNE
DEFRNMVTRCNNVGVRIYVDAVINHMCGNAVSAGTSSTCGSYFNPGSRDFPAVPYSGWDFNDGKCKTGSGDIENYNDATQ
VRDCRLTGLLDLALEKDYVRSKIAEYMNHLIDIGVAGFRLDASKHMWPGDIKAILDKLHNLNSNWFPAGSKPFIYQEVID
LGGEPIKSSDYFGNGRVTEFKYGAKLGTVIRKWNGEKMSYLKNWGEGWGFVPSDRALVFVDSHDNQRGHGAGGASILTFW
DARLYKMAVGFMLAHPYGFTRVMSSYRWPRQFQNGNDVNDWVGPPNNNGVIKEVTINPDTTCGNDWVCEHRWRQIRNMVI
FRNVVDGQPFTNWYDNGSNQVAFGRGNRGFIVFNNDDWSFSLTLQTGLPAGTYCDVISGDKINGNCTGIKIYVSDDGKAH
FSISNSAEDPFIAIHAESKL
;
_entity_poly.pdbx_strand_id   A
#
loop_
_chem_comp.id
_chem_comp.type
_chem_comp.name
_chem_comp.formula
ARE saccharide 'ACARBOSE DERIVED PENTASACCHARIDE' 'C31 H53 N O23'
CA non-polymer 'CALCIUM ION' 'Ca 2'
CL non-polymer 'CHLORIDE ION' 'Cl -1'
NAG D-saccharide, beta linking 2-acetamido-2-deoxy-beta-D-glucopyranose 'C8 H15 N O6'
#
# COMPACT_ATOMS: atom_id res chain seq x y z
N PCA A 1 -13.56 -4.76 11.48
CA PCA A 1 -12.27 -5.00 10.84
CB PCA A 1 -12.11 -6.48 10.81
CG PCA A 1 -13.36 -7.01 11.31
CD PCA A 1 -14.23 -5.96 11.79
OE PCA A 1 -15.40 -6.03 12.30
C PCA A 1 -12.18 -4.44 9.43
O PCA A 1 -11.10 -4.59 8.83
N TYR A 2 -13.33 -4.58 8.68
CA TYR A 2 -13.27 -4.53 7.21
C TYR A 2 -13.43 -3.11 6.69
N SER A 3 -14.00 -2.22 7.50
CA SER A 3 -14.16 -0.83 7.11
C SER A 3 -12.90 -0.04 7.41
N PRO A 4 -12.41 0.74 6.42
CA PRO A 4 -11.21 1.56 6.55
C PRO A 4 -11.31 2.67 7.59
N ASN A 5 -12.54 3.05 7.92
CA ASN A 5 -12.77 4.10 8.90
C ASN A 5 -12.33 5.47 8.40
N THR A 6 -12.27 5.63 7.09
CA THR A 6 -11.90 6.91 6.49
C THR A 6 -13.10 7.87 6.52
N GLN A 7 -12.85 9.14 6.24
CA GLN A 7 -13.95 10.10 6.22
C GLN A 7 -14.85 9.84 5.00
N GLN A 8 -16.15 10.08 5.16
CA GLN A 8 -17.08 9.87 4.05
C GLN A 8 -16.61 10.61 2.81
N GLY A 9 -16.37 9.88 1.72
CA GLY A 9 -15.94 10.54 0.50
C GLY A 9 -14.48 10.36 0.11
N ARG A 10 -13.70 9.71 0.97
CA ARG A 10 -12.30 9.44 0.69
C ARG A 10 -12.12 7.94 0.53
N THR A 11 -11.56 7.53 -0.61
CA THR A 11 -11.51 6.10 -0.92
C THR A 11 -10.10 5.51 -1.09
N SER A 12 -9.04 6.22 -0.72
CA SER A 12 -7.71 5.62 -0.90
C SER A 12 -6.76 5.97 0.24
N ILE A 13 -5.77 5.12 0.46
CA ILE A 13 -4.74 5.41 1.42
C ILE A 13 -3.41 5.44 0.69
N VAL A 14 -2.45 6.21 1.18
CA VAL A 14 -1.16 6.26 0.53
C VAL A 14 -0.09 5.75 1.45
N HIS A 15 0.84 4.98 0.90
CA HIS A 15 1.93 4.47 1.70
C HIS A 15 3.13 5.42 1.64
N LEU A 16 3.32 6.23 2.68
CA LEU A 16 4.46 7.14 2.73
C LEU A 16 5.66 6.40 3.31
N PHE A 17 6.19 5.53 2.48
CA PHE A 17 7.30 4.65 2.79
C PHE A 17 8.53 5.36 3.36
N GLU A 18 8.86 5.04 4.61
CA GLU A 18 10.03 5.56 5.31
C GLU A 18 9.98 7.05 5.63
N TRP A 19 8.86 7.73 5.37
CA TRP A 19 8.78 9.16 5.69
C TRP A 19 8.91 9.40 7.20
N ARG A 20 9.27 10.63 7.57
CA ARG A 20 9.39 11.02 8.97
C ARG A 20 8.03 11.50 9.49
N TRP A 21 7.75 11.27 10.77
CA TRP A 21 6.47 11.66 11.33
C TRP A 21 6.16 13.14 11.08
N VAL A 22 7.11 14.02 11.34
CA VAL A 22 6.90 15.46 11.14
C VAL A 22 6.57 15.82 9.69
N ASP A 23 7.16 15.11 8.74
CA ASP A 23 6.89 15.36 7.33
C ASP A 23 5.47 14.90 6.96
N ILE A 24 5.05 13.79 7.56
CA ILE A 24 3.72 13.28 7.31
C ILE A 24 2.67 14.21 7.90
N ALA A 25 2.94 14.73 9.09
CA ALA A 25 2.01 15.66 9.74
C ALA A 25 1.76 16.86 8.82
N LEU A 26 2.83 17.41 8.27
CA LEU A 26 2.73 18.54 7.36
C LEU A 26 2.01 18.15 6.08
N GLU A 27 2.31 16.95 5.59
CA GLU A 27 1.68 16.47 4.35
C GLU A 27 0.17 16.30 4.52
N CYS A 28 -0.26 15.89 5.70
CA CYS A 28 -1.69 15.70 5.94
C CYS A 28 -2.45 17.01 5.76
N GLU A 29 -1.88 18.08 6.31
CA GLU A 29 -2.47 19.41 6.31
C GLU A 29 -2.33 20.15 4.98
N ARG A 30 -1.14 20.13 4.38
CA ARG A 30 -0.90 20.88 3.15
C ARG A 30 -1.32 20.15 1.88
N TYR A 31 -1.47 18.83 1.90
CA TYR A 31 -1.79 18.15 0.65
C TYR A 31 -2.87 17.06 0.78
N LEU A 32 -2.57 16.03 1.55
CA LEU A 32 -3.48 14.89 1.71
C LEU A 32 -4.94 15.30 1.96
N ALA A 33 -5.18 16.12 2.96
CA ALA A 33 -6.56 16.51 3.27
C ALA A 33 -7.19 17.31 2.11
N PRO A 34 -6.55 18.39 1.66
CA PRO A 34 -7.13 19.18 0.56
C PRO A 34 -7.38 18.42 -0.75
N LYS A 35 -6.57 17.38 -1.01
CA LYS A 35 -6.69 16.62 -2.25
C LYS A 35 -7.57 15.40 -2.12
N GLY A 36 -8.16 15.20 -0.94
CA GLY A 36 -9.06 14.07 -0.79
C GLY A 36 -8.50 12.68 -0.52
N PHE A 37 -7.30 12.60 0.04
CA PHE A 37 -6.76 11.29 0.37
C PHE A 37 -7.41 10.79 1.67
N GLY A 38 -7.69 9.50 1.75
CA GLY A 38 -8.33 8.95 2.94
C GLY A 38 -7.43 8.68 4.12
N GLY A 39 -6.19 8.24 3.86
CA GLY A 39 -5.30 7.93 4.95
C GLY A 39 -3.88 7.68 4.53
N VAL A 40 -3.06 7.30 5.50
CA VAL A 40 -1.64 7.07 5.28
C VAL A 40 -1.15 5.80 5.97
N GLN A 41 -0.46 4.95 5.22
CA GLN A 41 0.15 3.77 5.83
C GLN A 41 1.57 4.16 6.21
N VAL A 42 1.90 4.09 7.49
CA VAL A 42 3.23 4.46 7.92
C VAL A 42 4.13 3.25 8.14
N SER A 43 5.43 3.48 8.12
CA SER A 43 6.37 2.40 8.36
C SER A 43 6.33 2.01 9.83
N PRO A 44 6.84 0.82 10.18
CA PRO A 44 6.79 0.41 11.59
C PRO A 44 7.27 1.51 12.55
N PRO A 45 6.42 1.91 13.49
CA PRO A 45 6.79 2.97 14.46
C PRO A 45 7.56 2.47 15.69
N ASN A 46 7.73 1.16 15.83
CA ASN A 46 8.41 0.60 16.99
C ASN A 46 9.93 0.45 16.77
N GLU A 47 10.68 0.43 17.87
CA GLU A 47 12.13 0.33 17.87
C GLU A 47 12.63 -0.91 17.13
N ASN A 48 13.57 -0.71 16.22
CA ASN A 48 14.15 -1.79 15.43
C ASN A 48 15.68 -1.80 15.53
N VAL A 49 16.28 -2.86 14.99
CA VAL A 49 17.74 -3.00 15.01
C VAL A 49 18.40 -2.06 14.01
N ALA A 50 19.52 -1.48 14.43
CA ALA A 50 20.29 -0.59 13.55
C ALA A 50 21.37 -1.41 12.86
N ILE A 51 21.24 -1.58 11.55
CA ILE A 51 22.19 -2.37 10.77
C ILE A 51 23.10 -1.48 9.95
N TYR A 52 24.41 -1.66 10.15
CA TYR A 52 25.41 -0.86 9.45
C TYR A 52 26.08 -1.63 8.33
N ASN A 53 25.75 -2.90 8.22
CA ASN A 53 26.29 -3.72 7.15
C ASN A 53 25.21 -4.61 6.55
N PRO A 54 24.56 -4.16 5.46
CA PRO A 54 24.75 -2.90 4.74
C PRO A 54 24.30 -1.67 5.56
N PHE A 55 24.67 -0.48 5.08
CA PHE A 55 24.35 0.76 5.80
C PHE A 55 22.84 1.06 5.87
N ARG A 56 22.28 0.91 7.06
CA ARG A 56 20.87 1.19 7.37
C ARG A 56 19.94 0.88 6.22
N PRO A 57 19.71 -0.42 5.94
CA PRO A 57 18.83 -0.83 4.84
C PRO A 57 17.39 -0.60 5.22
N TRP A 58 16.51 -0.47 4.23
CA TRP A 58 15.11 -0.25 4.53
C TRP A 58 14.52 -1.40 5.37
N TRP A 59 15.00 -2.63 5.13
CA TRP A 59 14.44 -3.82 5.80
C TRP A 59 14.85 -3.95 7.27
N GLU A 60 15.71 -3.07 7.80
CA GLU A 60 16.06 -3.19 9.20
C GLU A 60 14.86 -2.85 10.09
N ARG A 61 13.87 -2.17 9.51
CA ARG A 61 12.67 -1.76 10.24
C ARG A 61 11.68 -2.92 10.41
N TYR A 62 12.04 -4.10 9.91
CA TYR A 62 11.18 -5.27 10.06
C TYR A 62 11.81 -6.28 11.01
N GLN A 63 12.73 -5.75 11.83
CA GLN A 63 13.42 -6.51 12.84
C GLN A 63 13.31 -5.80 14.18
N PRO A 64 12.15 -5.91 14.85
CA PRO A 64 11.85 -5.29 16.15
C PRO A 64 12.79 -5.63 17.31
N VAL A 65 13.05 -4.63 18.14
CA VAL A 65 13.89 -4.79 19.32
C VAL A 65 13.05 -4.54 20.56
N SER A 66 12.02 -3.72 20.40
CA SER A 66 11.08 -3.39 21.49
C SER A 66 9.82 -2.76 20.91
N TYR A 67 8.87 -2.37 21.76
CA TYR A 67 7.64 -1.75 21.28
C TYR A 67 7.63 -0.26 21.54
N LYS A 68 8.83 0.29 21.80
CA LYS A 68 8.98 1.72 22.04
C LYS A 68 8.79 2.49 20.74
N LEU A 69 7.96 3.51 20.76
CA LEU A 69 7.73 4.32 19.57
C LEU A 69 8.93 5.23 19.33
N CYS A 70 10.02 4.62 18.90
CA CYS A 70 11.27 5.35 18.73
C CYS A 70 12.10 4.79 17.57
N THR A 71 12.07 5.50 16.44
CA THR A 71 12.77 5.07 15.21
C THR A 71 13.36 6.25 14.46
N ARG A 72 13.90 6.00 13.27
CA ARG A 72 14.50 7.04 12.43
C ARG A 72 13.42 7.99 11.92
N SER A 73 12.16 7.63 12.10
CA SER A 73 11.06 8.47 11.66
C SER A 73 10.72 9.50 12.74
N GLY A 74 11.13 9.23 13.98
CA GLY A 74 10.87 10.14 15.08
C GLY A 74 10.55 9.44 16.40
N ASN A 75 10.42 10.23 17.47
CA ASN A 75 10.11 9.66 18.79
C ASN A 75 8.61 9.60 19.03
N GLU A 76 8.21 9.19 20.24
CA GLU A 76 6.80 9.04 20.56
C GLU A 76 6.02 10.35 20.51
N ASP A 77 6.67 11.45 20.90
CA ASP A 77 6.00 12.74 20.88
C ASP A 77 5.66 13.17 19.45
N GLU A 78 6.63 13.05 18.55
CA GLU A 78 6.40 13.42 17.17
C GLU A 78 5.37 12.50 16.52
N PHE A 79 5.38 11.23 16.91
CA PHE A 79 4.43 10.26 16.36
C PHE A 79 3.03 10.64 16.77
N ARG A 80 2.84 10.86 18.07
CA ARG A 80 1.53 11.24 18.60
C ARG A 80 1.07 12.56 17.99
N ASN A 81 2.01 13.47 17.79
CA ASN A 81 1.72 14.77 17.21
C ASN A 81 1.21 14.62 15.78
N MET A 82 1.78 13.67 15.06
CA MET A 82 1.37 13.40 13.68
C MET A 82 -0.04 12.85 13.59
N VAL A 83 -0.36 11.88 14.46
CA VAL A 83 -1.69 11.28 14.46
C VAL A 83 -2.77 12.31 14.78
N THR A 84 -2.50 13.14 15.79
CA THR A 84 -3.44 14.17 16.21
C THR A 84 -3.73 15.16 15.08
N ARG A 85 -2.69 15.71 14.48
CA ARG A 85 -2.85 16.68 13.39
C ARG A 85 -3.51 16.07 12.15
N CYS A 86 -3.11 14.85 11.78
CA CYS A 86 -3.70 14.20 10.62
C CYS A 86 -5.18 13.91 10.85
N ASN A 87 -5.51 13.43 12.05
CA ASN A 87 -6.91 13.13 12.34
C ASN A 87 -7.74 14.41 12.35
N ASN A 88 -7.17 15.49 12.86
CA ASN A 88 -7.87 16.78 12.94
C ASN A 88 -8.20 17.34 11.57
N VAL A 89 -7.59 16.78 10.53
CA VAL A 89 -7.85 17.27 9.19
C VAL A 89 -8.53 16.19 8.33
N GLY A 90 -8.98 15.11 8.97
CA GLY A 90 -9.68 14.05 8.28
C GLY A 90 -8.89 12.94 7.59
N VAL A 91 -7.59 12.86 7.84
CA VAL A 91 -6.74 11.83 7.24
C VAL A 91 -6.28 10.81 8.29
N ARG A 92 -6.65 9.54 8.11
CA ARG A 92 -6.32 8.49 9.08
C ARG A 92 -4.90 7.95 8.92
N ILE A 93 -4.44 7.30 9.98
CA ILE A 93 -3.12 6.71 10.03
C ILE A 93 -3.24 5.19 10.27
N TYR A 94 -2.56 4.41 9.44
CA TYR A 94 -2.56 2.97 9.58
C TYR A 94 -1.15 2.49 9.87
N VAL A 95 -0.99 1.78 10.97
CA VAL A 95 0.33 1.34 11.39
C VAL A 95 0.71 -0.03 10.86
N ASP A 96 1.94 -0.10 10.36
CA ASP A 96 2.52 -1.36 9.90
C ASP A 96 2.94 -2.14 11.13
N ALA A 97 2.16 -3.16 11.49
CA ALA A 97 2.42 -3.93 12.70
C ALA A 97 3.23 -5.19 12.44
N VAL A 98 4.48 -5.16 12.91
CA VAL A 98 5.39 -6.29 12.82
C VAL A 98 5.32 -7.11 14.11
N ILE A 99 4.36 -8.02 14.18
CA ILE A 99 4.08 -8.77 15.39
C ILE A 99 4.40 -10.27 15.27
N ASN A 100 4.84 -10.71 14.11
CA ASN A 100 5.11 -12.14 13.94
C ASN A 100 6.46 -12.53 14.54
N HIS A 101 7.41 -11.61 14.56
CA HIS A 101 8.75 -11.95 15.02
C HIS A 101 9.48 -10.75 15.59
N MET A 102 10.72 -11.03 15.99
CA MET A 102 11.63 -10.02 16.47
C MET A 102 12.78 -9.94 15.45
N CYS A 103 14.03 -9.72 15.86
CA CYS A 103 15.11 -9.60 14.88
C CYS A 103 15.74 -10.96 14.52
N GLY A 104 16.67 -10.93 13.56
CA GLY A 104 17.35 -12.14 13.14
C GLY A 104 18.11 -12.77 14.30
N ASN A 105 18.17 -14.10 14.31
CA ASN A 105 18.84 -14.81 15.38
C ASN A 105 20.36 -14.61 15.34
N ALA A 106 20.90 -14.23 14.18
CA ALA A 106 22.35 -14.06 14.04
C ALA A 106 22.82 -12.66 14.49
N VAL A 107 21.90 -11.72 14.67
CA VAL A 107 22.28 -10.37 15.08
C VAL A 107 23.06 -10.37 16.40
N SER A 108 24.10 -9.55 16.47
CA SER A 108 24.94 -9.45 17.66
C SER A 108 24.24 -8.74 18.79
N ALA A 109 24.36 -9.30 19.99
CA ALA A 109 23.75 -8.67 21.16
C ALA A 109 24.42 -7.32 21.40
N GLY A 110 23.76 -6.46 22.16
CA GLY A 110 24.32 -5.14 22.43
C GLY A 110 23.23 -4.09 22.45
N THR A 111 23.57 -2.86 22.11
CA THR A 111 22.58 -1.80 22.11
C THR A 111 22.48 -1.11 20.75
N SER A 112 22.70 -1.88 19.69
CA SER A 112 22.60 -1.36 18.33
C SER A 112 21.14 -1.32 17.89
N SER A 113 20.37 -0.45 18.53
CA SER A 113 18.95 -0.28 18.23
C SER A 113 18.63 1.19 17.96
N THR A 114 17.43 1.49 17.48
CA THR A 114 17.09 2.88 17.17
C THR A 114 16.80 3.70 18.42
N CYS A 115 16.73 3.05 19.58
CA CYS A 115 16.46 3.78 20.82
C CYS A 115 17.40 3.41 21.95
N GLY A 116 18.49 2.71 21.62
CA GLY A 116 19.46 2.33 22.62
C GLY A 116 19.07 1.16 23.50
N SER A 117 17.90 0.60 23.24
CA SER A 117 17.45 -0.54 24.04
C SER A 117 18.42 -1.71 23.90
N TYR A 118 18.62 -2.44 24.98
CA TYR A 118 19.51 -3.59 24.92
C TYR A 118 18.75 -4.84 24.50
N PHE A 119 19.42 -5.69 23.73
CA PHE A 119 18.82 -6.94 23.27
C PHE A 119 19.90 -7.97 22.97
N ASN A 120 19.56 -9.23 23.20
CA ASN A 120 20.48 -10.33 22.98
C ASN A 120 19.78 -11.45 22.21
N PRO A 121 19.83 -11.40 20.88
CA PRO A 121 19.18 -12.43 20.06
C PRO A 121 19.61 -13.86 20.41
N GLY A 122 20.91 -14.03 20.63
CA GLY A 122 21.44 -15.34 20.96
C GLY A 122 20.78 -16.05 22.11
N SER A 123 20.52 -15.32 23.20
CA SER A 123 19.89 -15.93 24.36
C SER A 123 18.39 -15.65 24.39
N ARG A 124 17.88 -15.08 23.30
CA ARG A 124 16.46 -14.76 23.19
C ARG A 124 16.03 -13.75 24.25
N ASP A 125 16.88 -12.76 24.50
CA ASP A 125 16.57 -11.78 25.53
C ASP A 125 16.27 -10.38 24.97
N PHE A 126 15.05 -9.93 25.22
CA PHE A 126 14.57 -8.62 24.83
C PHE A 126 13.90 -7.96 26.02
N PRO A 127 14.70 -7.54 27.01
CA PRO A 127 14.30 -6.89 28.27
C PRO A 127 13.38 -5.69 28.21
N ALA A 128 13.40 -4.98 27.09
CA ALA A 128 12.57 -3.79 26.95
C ALA A 128 11.09 -4.11 26.74
N VAL A 129 10.73 -5.37 26.46
CA VAL A 129 9.32 -5.69 26.24
C VAL A 129 8.60 -6.05 27.55
N PRO A 130 9.05 -7.09 28.27
CA PRO A 130 10.17 -8.00 28.01
C PRO A 130 9.77 -9.38 27.46
N TYR A 131 10.71 -9.99 26.74
CA TYR A 131 10.55 -11.34 26.19
C TYR A 131 11.77 -12.18 26.56
N SER A 132 11.58 -13.48 26.73
CA SER A 132 12.70 -14.37 27.03
C SER A 132 12.61 -15.60 26.14
N GLY A 133 13.48 -16.58 26.36
CA GLY A 133 13.45 -17.78 25.55
C GLY A 133 12.10 -18.49 25.53
N TRP A 134 11.34 -18.35 26.61
CA TRP A 134 10.03 -18.98 26.75
C TRP A 134 8.99 -18.39 25.80
N ASP A 135 9.31 -17.26 25.18
CA ASP A 135 8.34 -16.60 24.31
C ASP A 135 8.60 -16.83 22.82
N PHE A 136 9.44 -17.81 22.47
CA PHE A 136 9.72 -18.06 21.06
C PHE A 136 9.37 -19.51 20.67
N ASN A 137 9.26 -19.76 19.37
CA ASN A 137 8.86 -21.07 18.86
C ASN A 137 10.05 -22.00 18.57
N ASP A 138 11.20 -21.75 19.18
CA ASP A 138 12.34 -22.60 18.91
C ASP A 138 12.05 -24.08 19.19
N GLY A 139 11.34 -24.37 20.27
CA GLY A 139 11.01 -25.75 20.57
C GLY A 139 9.86 -26.31 19.76
N LYS A 140 9.10 -25.43 19.14
CA LYS A 140 7.94 -25.83 18.35
C LYS A 140 8.30 -26.13 16.90
N CYS A 141 9.32 -25.45 16.38
CA CYS A 141 9.74 -25.68 14.99
C CYS A 141 10.42 -27.05 14.84
N LYS A 142 10.08 -27.76 13.77
CA LYS A 142 10.59 -29.12 13.54
C LYS A 142 11.65 -29.20 12.44
N THR A 143 11.90 -28.12 11.70
CA THR A 143 12.93 -28.21 10.65
C THR A 143 14.33 -28.39 11.25
N GLY A 144 15.25 -28.92 10.45
CA GLY A 144 16.60 -29.13 10.94
C GLY A 144 17.42 -27.86 11.09
N SER A 145 17.06 -26.83 10.34
CA SER A 145 17.78 -25.55 10.39
C SER A 145 17.11 -24.56 11.34
N GLY A 146 15.83 -24.78 11.63
CA GLY A 146 15.11 -23.88 12.51
C GLY A 146 14.36 -22.82 11.73
N ASP A 147 14.66 -22.71 10.43
CA ASP A 147 14.01 -21.74 9.57
C ASP A 147 12.95 -22.42 8.71
N ILE A 148 12.22 -21.62 7.93
CA ILE A 148 11.22 -22.14 7.02
C ILE A 148 11.93 -22.71 5.77
N GLU A 149 11.74 -23.98 5.47
CA GLU A 149 12.42 -24.59 4.33
C GLU A 149 11.48 -24.98 3.20
N ASN A 150 10.22 -25.26 3.52
CA ASN A 150 9.26 -25.66 2.50
C ASN A 150 7.87 -25.09 2.78
N TYR A 151 7.41 -24.25 1.85
CA TYR A 151 6.12 -23.59 1.97
C TYR A 151 4.95 -24.55 1.69
N ASN A 152 5.26 -25.81 1.40
CA ASN A 152 4.22 -26.80 1.14
C ASN A 152 3.76 -27.47 2.43
N ASP A 153 4.45 -27.10 3.52
CA ASP A 153 4.10 -27.57 4.86
C ASP A 153 3.61 -26.37 5.68
N ALA A 154 2.29 -26.15 5.67
CA ALA A 154 1.70 -25.01 6.36
C ALA A 154 2.08 -24.93 7.83
N THR A 155 2.51 -26.04 8.43
CA THR A 155 2.87 -26.02 9.86
C THR A 155 4.19 -25.29 10.11
N GLN A 156 5.23 -25.62 9.35
CA GLN A 156 6.50 -24.93 9.56
C GLN A 156 6.45 -23.50 9.04
N VAL A 157 5.55 -23.21 8.11
CA VAL A 157 5.43 -21.84 7.60
C VAL A 157 5.00 -20.91 8.73
N ARG A 158 4.32 -21.47 9.71
CA ARG A 158 3.82 -20.71 10.86
C ARG A 158 4.70 -20.86 12.10
N ASP A 159 5.31 -22.03 12.31
CA ASP A 159 6.07 -22.23 13.56
C ASP A 159 7.58 -22.03 13.42
N CYS A 160 8.11 -21.89 12.20
CA CYS A 160 9.55 -21.71 12.06
C CYS A 160 9.92 -20.26 11.69
N ARG A 161 11.23 -19.97 11.69
CA ARG A 161 11.73 -18.62 11.43
C ARG A 161 11.73 -18.24 9.96
N LEU A 162 11.16 -17.08 9.67
CA LEU A 162 11.18 -16.55 8.31
C LEU A 162 12.57 -15.96 8.06
N THR A 163 13.37 -16.63 7.25
CA THR A 163 14.74 -16.23 6.96
C THR A 163 15.47 -15.80 8.25
N GLY A 164 15.46 -16.67 9.25
CA GLY A 164 16.15 -16.39 10.49
C GLY A 164 15.52 -15.48 11.54
N LEU A 165 14.43 -14.79 11.21
CA LEU A 165 13.80 -13.90 12.17
C LEU A 165 13.19 -14.69 13.33
N LEU A 166 13.61 -14.37 14.56
CA LEU A 166 13.09 -15.06 15.75
C LEU A 166 11.57 -15.01 15.78
N ASP A 167 10.97 -16.19 15.80
CA ASP A 167 9.52 -16.37 15.74
C ASP A 167 8.82 -16.32 17.11
N LEU A 168 7.89 -15.38 17.26
CA LEU A 168 7.15 -15.23 18.50
C LEU A 168 6.12 -16.34 18.70
N ALA A 169 6.02 -16.83 19.94
CA ALA A 169 5.06 -17.88 20.30
C ALA A 169 3.69 -17.25 20.55
N LEU A 170 3.00 -16.91 19.48
CA LEU A 170 1.71 -16.22 19.53
C LEU A 170 0.58 -17.05 20.17
N GLU A 171 0.81 -18.29 20.56
CA GLU A 171 -0.28 -19.04 21.18
C GLU A 171 -0.33 -18.80 22.68
N LYS A 172 0.74 -18.21 23.21
CA LYS A 172 0.85 -17.89 24.64
C LYS A 172 0.13 -16.58 24.96
N ASP A 173 -0.71 -16.60 25.98
CA ASP A 173 -1.46 -15.40 26.36
C ASP A 173 -0.53 -14.25 26.72
N TYR A 174 0.61 -14.56 27.33
CA TYR A 174 1.56 -13.50 27.70
C TYR A 174 2.02 -12.73 26.47
N VAL A 175 2.38 -13.45 25.42
CA VAL A 175 2.85 -12.82 24.20
C VAL A 175 1.72 -12.06 23.52
N ARG A 176 0.52 -12.65 23.50
CA ARG A 176 -0.64 -12.01 22.89
C ARG A 176 -0.96 -10.70 23.59
N SER A 177 -0.75 -10.70 24.90
CA SER A 177 -1.02 -9.53 25.72
C SER A 177 -0.01 -8.43 25.49
N LYS A 178 1.24 -8.81 25.36
CA LYS A 178 2.29 -7.83 25.12
C LYS A 178 2.09 -7.16 23.77
N ILE A 179 1.56 -7.93 22.81
CA ILE A 179 1.31 -7.38 21.49
C ILE A 179 0.08 -6.47 21.52
N ALA A 180 -0.95 -6.89 22.25
CA ALA A 180 -2.16 -6.09 22.36
C ALA A 180 -1.89 -4.80 23.12
N GLU A 181 -1.03 -4.89 24.12
CA GLU A 181 -0.64 -3.73 24.89
C GLU A 181 -0.08 -2.67 23.96
N TYR A 182 0.74 -3.14 23.01
CA TYR A 182 1.39 -2.29 22.02
C TYR A 182 0.36 -1.69 21.06
N MET A 183 -0.50 -2.53 20.51
CA MET A 183 -1.50 -2.05 19.56
C MET A 183 -2.55 -1.16 20.23
N ASN A 184 -2.94 -1.47 21.47
CA ASN A 184 -3.93 -0.65 22.17
C ASN A 184 -3.36 0.73 22.49
N HIS A 185 -2.06 0.76 22.76
CA HIS A 185 -1.38 2.03 23.00
C HIS A 185 -1.54 2.92 21.76
N LEU A 186 -1.37 2.31 20.59
CA LEU A 186 -1.49 3.02 19.32
C LEU A 186 -2.95 3.38 19.02
N ILE A 187 -3.87 2.45 19.31
CA ILE A 187 -5.27 2.73 19.08
C ILE A 187 -5.74 3.90 19.92
N ASP A 188 -5.32 3.93 21.19
CA ASP A 188 -5.70 5.00 22.10
C ASP A 188 -5.08 6.34 21.69
N ILE A 189 -3.96 6.28 20.97
CA ILE A 189 -3.30 7.48 20.47
C ILE A 189 -4.14 8.09 19.35
N GLY A 190 -4.82 7.23 18.60
CA GLY A 190 -5.66 7.69 17.52
C GLY A 190 -5.55 6.97 16.18
N VAL A 191 -4.69 5.97 16.04
CA VAL A 191 -4.56 5.26 14.77
C VAL A 191 -5.88 4.55 14.39
N ALA A 192 -6.15 4.41 13.10
CA ALA A 192 -7.42 3.84 12.63
C ALA A 192 -7.34 2.36 12.22
N GLY A 193 -6.16 1.80 12.12
CA GLY A 193 -6.07 0.40 11.71
C GLY A 193 -4.65 -0.07 11.57
N PHE A 194 -4.48 -1.32 11.17
CA PHE A 194 -3.15 -1.87 11.05
C PHE A 194 -2.97 -2.77 9.85
N ARG A 195 -1.74 -2.78 9.38
CA ARG A 195 -1.34 -3.72 8.36
C ARG A 195 -0.62 -4.82 9.10
N LEU A 196 -1.18 -6.02 9.13
CA LEU A 196 -0.49 -7.07 9.85
C LEU A 196 0.55 -7.71 8.98
N ASP A 197 1.80 -7.41 9.30
CA ASP A 197 2.95 -7.91 8.56
C ASP A 197 3.12 -9.43 8.71
N ALA A 198 3.52 -10.07 7.62
CA ALA A 198 3.77 -11.51 7.59
C ALA A 198 2.61 -12.30 8.22
N SER A 199 1.38 -11.93 7.89
CA SER A 199 0.22 -12.62 8.47
C SER A 199 0.20 -14.08 8.05
N LYS A 200 0.79 -14.38 6.91
CA LYS A 200 0.85 -15.75 6.40
C LYS A 200 1.60 -16.67 7.37
N HIS A 201 2.53 -16.09 8.12
CA HIS A 201 3.35 -16.84 9.04
C HIS A 201 2.72 -16.98 10.41
N MET A 202 1.48 -16.53 10.55
CA MET A 202 0.77 -16.65 11.81
C MET A 202 -0.50 -17.45 11.61
N TRP A 203 -0.91 -18.22 12.60
CA TRP A 203 -2.14 -18.99 12.48
C TRP A 203 -3.32 -18.05 12.56
N PRO A 204 -4.30 -18.21 11.67
CA PRO A 204 -5.48 -17.33 11.71
C PRO A 204 -6.10 -17.23 13.12
N GLY A 205 -6.08 -18.34 13.85
CA GLY A 205 -6.62 -18.36 15.20
C GLY A 205 -5.82 -17.54 16.21
N ASP A 206 -4.51 -17.47 16.04
CA ASP A 206 -3.68 -16.67 16.94
C ASP A 206 -3.89 -15.18 16.69
N ILE A 207 -4.10 -14.82 15.42
CA ILE A 207 -4.35 -13.44 15.07
C ILE A 207 -5.68 -12.99 15.67
N LYS A 208 -6.68 -13.85 15.57
CA LYS A 208 -8.01 -13.55 16.09
C LYS A 208 -7.98 -13.37 17.60
N ALA A 209 -7.21 -14.20 18.30
CA ALA A 209 -7.12 -14.10 19.75
C ALA A 209 -6.54 -12.74 20.17
N ILE A 210 -5.65 -12.22 19.33
CA ILE A 210 -5.03 -10.93 19.60
C ILE A 210 -5.98 -9.77 19.28
N LEU A 211 -6.71 -9.89 18.18
CA LEU A 211 -7.66 -8.86 17.77
C LEU A 211 -8.81 -8.73 18.79
N ASP A 212 -9.08 -9.81 19.54
CA ASP A 212 -10.13 -9.83 20.54
C ASP A 212 -9.76 -8.97 21.75
N LYS A 213 -8.47 -8.73 21.94
CA LYS A 213 -7.99 -7.92 23.05
C LYS A 213 -7.87 -6.44 22.65
N LEU A 214 -8.21 -6.11 21.41
CA LEU A 214 -8.06 -4.73 20.96
C LEU A 214 -9.24 -3.85 21.35
N HIS A 215 -8.95 -2.58 21.63
CA HIS A 215 -9.96 -1.59 21.98
C HIS A 215 -10.69 -1.10 20.73
N ASN A 216 -11.76 -0.34 20.95
CA ASN A 216 -12.44 0.30 19.84
C ASN A 216 -11.68 1.58 19.54
N LEU A 217 -11.89 2.18 18.38
CA LEU A 217 -11.14 3.39 18.04
C LEU A 217 -11.42 4.53 19.03
N ASN A 218 -10.48 5.47 19.11
CA ASN A 218 -10.59 6.62 20.01
C ASN A 218 -11.90 7.39 19.79
N SER A 219 -12.71 7.47 20.85
CA SER A 219 -14.04 8.11 20.80
C SER A 219 -13.96 9.62 20.60
N ASN A 220 -12.76 10.19 20.61
CA ASN A 220 -12.63 11.62 20.40
C ASN A 220 -12.64 11.96 18.91
N TRP A 221 -12.42 10.96 18.06
CA TRP A 221 -12.41 11.17 16.62
C TRP A 221 -13.32 10.21 15.90
N PHE A 222 -13.61 9.06 16.51
CA PHE A 222 -14.43 8.06 15.86
C PHE A 222 -15.73 7.79 16.63
N PRO A 223 -16.78 7.40 15.90
CA PRO A 223 -18.07 7.10 16.53
C PRO A 223 -17.93 5.84 17.38
N ALA A 224 -18.69 5.77 18.47
CA ALA A 224 -18.63 4.63 19.36
C ALA A 224 -18.79 3.32 18.61
N GLY A 225 -18.09 2.28 19.05
CA GLY A 225 -18.19 0.99 18.40
C GLY A 225 -17.33 0.80 17.17
N SER A 226 -16.56 1.82 16.81
CA SER A 226 -15.69 1.72 15.64
C SER A 226 -14.59 0.69 15.88
N LYS A 227 -14.47 -0.28 15.00
CA LYS A 227 -13.43 -1.28 15.12
C LYS A 227 -12.26 -0.95 14.20
N PRO A 228 -11.03 -1.21 14.64
CA PRO A 228 -9.87 -0.92 13.77
C PRO A 228 -9.86 -1.66 12.44
N PHE A 229 -9.49 -0.93 11.39
CA PHE A 229 -9.38 -1.50 10.07
C PHE A 229 -8.21 -2.48 10.05
N ILE A 230 -8.45 -3.71 9.61
CA ILE A 230 -7.39 -4.69 9.58
C ILE A 230 -7.17 -5.29 8.20
N TYR A 231 -5.95 -5.15 7.69
CA TYR A 231 -5.59 -5.80 6.43
C TYR A 231 -4.34 -6.63 6.66
N GLN A 232 -4.45 -7.92 6.35
CA GLN A 232 -3.35 -8.84 6.60
C GLN A 232 -2.52 -9.09 5.34
N GLU A 233 -1.20 -9.02 5.50
CA GLU A 233 -0.32 -9.28 4.39
C GLU A 233 -0.14 -10.77 4.21
N VAL A 234 -0.83 -11.29 3.21
CA VAL A 234 -0.74 -12.69 2.86
C VAL A 234 -0.48 -12.80 1.38
N ILE A 235 0.68 -13.34 1.02
CA ILE A 235 1.03 -13.53 -0.38
C ILE A 235 0.58 -14.92 -0.83
N ASP A 236 -0.52 -14.94 -1.57
CA ASP A 236 -1.12 -16.16 -2.07
C ASP A 236 -1.35 -16.05 -3.57
N LEU A 237 -0.48 -16.64 -4.38
CA LEU A 237 -0.68 -16.62 -5.82
C LEU A 237 -0.95 -18.03 -6.29
N GLY A 238 -1.57 -18.80 -5.44
CA GLY A 238 -1.91 -20.15 -5.87
C GLY A 238 -0.89 -21.24 -5.72
N GLY A 239 -1.35 -22.46 -5.64
CA GLY A 239 -0.34 -23.50 -5.43
C GLY A 239 0.38 -23.67 -4.08
N GLU A 240 -0.35 -23.38 -3.01
CA GLU A 240 0.23 -23.52 -1.68
C GLU A 240 -0.82 -23.97 -0.69
N PRO A 241 -0.44 -24.75 0.33
CA PRO A 241 -1.46 -25.20 1.29
C PRO A 241 -2.18 -24.04 1.98
N ILE A 242 -1.54 -22.88 2.02
CA ILE A 242 -2.13 -21.72 2.70
C ILE A 242 -2.86 -20.82 1.70
N LYS A 243 -4.13 -20.55 2.02
CA LYS A 243 -4.96 -19.71 1.19
C LYS A 243 -5.34 -18.44 1.94
N SER A 244 -5.44 -17.32 1.23
CA SER A 244 -5.77 -16.06 1.87
C SER A 244 -7.22 -16.04 2.38
N SER A 245 -8.03 -17.00 1.92
CA SER A 245 -9.41 -17.07 2.36
C SER A 245 -9.52 -17.55 3.81
N ASP A 246 -8.45 -18.16 4.32
CA ASP A 246 -8.42 -18.64 5.69
C ASP A 246 -8.33 -17.48 6.69
N TYR A 247 -8.07 -16.28 6.19
CA TYR A 247 -7.92 -15.09 7.04
C TYR A 247 -9.08 -14.10 6.92
N PHE A 248 -10.15 -14.48 6.23
CA PHE A 248 -11.29 -13.59 6.02
C PHE A 248 -11.99 -13.24 7.33
N GLY A 249 -11.90 -14.11 8.33
CA GLY A 249 -12.55 -13.84 9.61
C GLY A 249 -11.89 -12.78 10.48
N ASN A 250 -10.68 -12.35 10.13
CA ASN A 250 -9.93 -11.36 10.91
C ASN A 250 -9.95 -9.99 10.25
N GLY A 251 -10.20 -9.95 8.95
CA GLY A 251 -10.21 -8.69 8.25
C GLY A 251 -9.89 -8.87 6.79
N ARG A 252 -9.47 -7.79 6.13
CA ARG A 252 -9.12 -7.88 4.72
C ARG A 252 -7.74 -8.49 4.52
N VAL A 253 -7.41 -8.75 3.26
CA VAL A 253 -6.12 -9.30 2.91
C VAL A 253 -5.55 -8.61 1.69
N THR A 254 -4.23 -8.55 1.59
CA THR A 254 -3.57 -7.96 0.45
C THR A 254 -3.71 -8.89 -0.76
N GLU A 255 -4.25 -8.36 -1.86
CA GLU A 255 -4.41 -9.19 -3.06
C GLU A 255 -3.22 -8.99 -4.00
N PHE A 256 -2.19 -9.81 -3.83
CA PHE A 256 -0.98 -9.69 -4.64
C PHE A 256 -1.16 -10.16 -6.08
N LYS A 257 -2.21 -10.92 -6.37
CA LYS A 257 -2.39 -11.34 -7.76
C LYS A 257 -2.80 -10.16 -8.62
N TYR A 258 -3.38 -9.15 -7.99
CA TYR A 258 -3.87 -7.95 -8.66
C TYR A 258 -2.76 -7.21 -9.40
N GLY A 259 -1.69 -6.85 -8.70
CA GLY A 259 -0.60 -6.14 -9.32
C GLY A 259 0.17 -6.99 -10.32
N ALA A 260 0.34 -8.27 -9.99
CA ALA A 260 1.06 -9.20 -10.84
C ALA A 260 0.38 -9.32 -12.21
N LYS A 261 -0.92 -9.56 -12.21
CA LYS A 261 -1.68 -9.73 -13.44
C LYS A 261 -1.82 -8.42 -14.22
N LEU A 262 -2.07 -7.32 -13.51
CA LEU A 262 -2.19 -6.04 -14.21
C LEU A 262 -0.90 -5.69 -14.90
N GLY A 263 0.22 -6.00 -14.24
CA GLY A 263 1.51 -5.73 -14.83
C GLY A 263 1.72 -6.48 -16.13
N THR A 264 1.43 -7.78 -16.15
CA THR A 264 1.64 -8.57 -17.36
C THR A 264 0.70 -8.13 -18.48
N VAL A 265 -0.53 -7.76 -18.13
CA VAL A 265 -1.50 -7.32 -19.13
C VAL A 265 -1.08 -6.00 -19.76
N ILE A 266 -0.66 -5.04 -18.94
CA ILE A 266 -0.25 -3.74 -19.45
C ILE A 266 1.07 -3.82 -20.19
N ARG A 267 1.91 -4.79 -19.82
CA ARG A 267 3.17 -5.00 -20.51
C ARG A 267 2.95 -5.85 -21.75
N LYS A 268 1.73 -6.37 -21.89
CA LYS A 268 1.34 -7.22 -23.01
C LYS A 268 2.20 -8.48 -23.07
N TRP A 269 2.50 -9.07 -21.92
CA TRP A 269 3.33 -10.26 -21.86
C TRP A 269 2.56 -11.55 -22.12
N ASN A 270 3.21 -12.42 -22.87
CA ASN A 270 2.73 -13.74 -23.28
C ASN A 270 1.25 -13.80 -23.64
N GLY A 271 0.85 -12.95 -24.58
CA GLY A 271 -0.51 -12.98 -25.08
C GLY A 271 -1.58 -12.09 -24.49
N GLU A 272 -1.34 -11.57 -23.31
CA GLU A 272 -2.32 -10.73 -22.64
C GLU A 272 -2.56 -9.42 -23.39
N LYS A 273 -3.79 -8.93 -23.28
CA LYS A 273 -4.24 -7.68 -23.87
C LYS A 273 -5.26 -7.02 -22.96
N MET A 274 -5.44 -5.71 -23.07
CA MET A 274 -6.36 -4.99 -22.21
C MET A 274 -7.83 -5.35 -22.42
N SER A 275 -8.17 -5.97 -23.54
CA SER A 275 -9.57 -6.32 -23.79
C SER A 275 -10.05 -7.41 -22.83
N TYR A 276 -9.11 -8.16 -22.27
CA TYR A 276 -9.45 -9.23 -21.35
C TYR A 276 -9.85 -8.69 -19.97
N LEU A 277 -9.58 -7.40 -19.71
CA LEU A 277 -9.89 -6.81 -18.40
C LEU A 277 -11.38 -6.54 -18.21
N LYS A 278 -12.18 -6.94 -19.19
CA LYS A 278 -13.64 -6.74 -19.15
C LYS A 278 -14.26 -7.34 -17.90
N ASN A 279 -13.81 -8.53 -17.51
CA ASN A 279 -14.32 -9.19 -16.33
C ASN A 279 -13.30 -9.16 -15.19
N TRP A 280 -12.50 -8.08 -15.16
CA TRP A 280 -11.49 -7.88 -14.13
C TRP A 280 -12.10 -8.00 -12.74
N GLY A 281 -11.37 -8.60 -11.82
CA GLY A 281 -11.87 -8.76 -10.46
C GLY A 281 -11.95 -10.22 -10.05
N GLU A 282 -13.03 -10.59 -9.39
CA GLU A 282 -13.21 -11.96 -8.92
C GLU A 282 -13.20 -12.95 -10.10
N GLY A 283 -13.65 -12.49 -11.25
CA GLY A 283 -13.66 -13.35 -12.42
C GLY A 283 -12.28 -13.84 -12.80
N TRP A 284 -11.25 -13.23 -12.22
CA TRP A 284 -9.86 -13.59 -12.49
C TRP A 284 -9.27 -14.47 -11.38
N GLY A 285 -10.10 -14.89 -10.44
CA GLY A 285 -9.60 -15.72 -9.36
C GLY A 285 -9.13 -14.93 -8.15
N PHE A 286 -9.48 -13.64 -8.12
CA PHE A 286 -9.11 -12.79 -7.00
C PHE A 286 -10.07 -13.00 -5.83
N VAL A 287 -9.69 -12.55 -4.64
CA VAL A 287 -10.56 -12.68 -3.47
C VAL A 287 -11.76 -11.73 -3.61
N PRO A 288 -12.83 -11.96 -2.82
CA PRO A 288 -13.98 -11.05 -2.95
C PRO A 288 -13.54 -9.59 -2.75
N SER A 289 -14.19 -8.69 -3.48
CA SER A 289 -13.88 -7.27 -3.44
C SER A 289 -13.92 -6.67 -2.03
N ASP A 290 -14.88 -7.09 -1.21
CA ASP A 290 -15.02 -6.53 0.14
C ASP A 290 -14.00 -7.10 1.13
N ARG A 291 -13.08 -7.92 0.65
CA ARG A 291 -12.03 -8.46 1.51
C ARG A 291 -10.65 -8.17 0.92
N ALA A 292 -10.61 -7.32 -0.10
CA ALA A 292 -9.34 -7.07 -0.77
C ALA A 292 -8.80 -5.65 -0.62
N LEU A 293 -7.49 -5.61 -0.37
CA LEU A 293 -6.71 -4.39 -0.35
C LEU A 293 -5.85 -4.47 -1.62
N VAL A 294 -6.02 -3.55 -2.57
CA VAL A 294 -5.28 -3.67 -3.83
C VAL A 294 -4.26 -2.56 -4.03
N PHE A 295 -3.34 -2.81 -4.96
CA PHE A 295 -2.26 -1.90 -5.28
C PHE A 295 -1.50 -2.37 -6.51
N VAL A 296 -0.81 -1.46 -7.18
CA VAL A 296 -0.01 -1.82 -8.36
C VAL A 296 1.33 -2.43 -7.90
N ASP A 297 2.00 -1.70 -7.01
CA ASP A 297 3.25 -2.15 -6.43
C ASP A 297 3.30 -1.84 -4.93
N SER A 298 4.19 -2.53 -4.22
CA SER A 298 4.36 -2.32 -2.79
C SER A 298 5.83 -2.08 -2.47
N HIS A 299 6.13 -1.61 -1.26
CA HIS A 299 7.52 -1.36 -0.88
C HIS A 299 8.38 -2.61 -1.08
N ASP A 300 7.73 -3.77 -1.06
CA ASP A 300 8.42 -5.03 -1.20
C ASP A 300 8.72 -5.39 -2.66
N ASN A 301 7.67 -5.58 -3.46
CA ASN A 301 7.84 -6.02 -4.84
C ASN A 301 8.28 -4.94 -5.81
N GLN A 302 8.41 -3.69 -5.39
CA GLN A 302 8.87 -2.68 -6.34
C GLN A 302 10.38 -2.78 -6.50
N ARG A 303 10.99 -3.60 -5.65
CA ARG A 303 12.42 -3.84 -5.65
C ARG A 303 12.73 -5.34 -5.71
N GLY A 304 11.73 -6.11 -6.16
CA GLY A 304 11.89 -7.56 -6.29
C GLY A 304 11.99 -8.39 -5.02
N HIS A 305 11.58 -7.82 -3.89
CA HIS A 305 11.64 -8.53 -2.61
C HIS A 305 10.31 -9.21 -2.27
N GLY A 306 9.35 -9.16 -3.18
CA GLY A 306 8.08 -9.79 -2.91
C GLY A 306 7.54 -10.55 -4.11
N ALA A 307 6.36 -11.16 -3.96
CA ALA A 307 5.76 -11.88 -5.07
C ALA A 307 5.33 -10.89 -6.17
N GLY A 308 5.43 -11.33 -7.42
CA GLY A 308 5.07 -10.49 -8.55
C GLY A 308 6.20 -10.57 -9.56
N GLY A 309 7.41 -10.38 -9.06
CA GLY A 309 8.58 -10.45 -9.89
C GLY A 309 8.78 -9.36 -10.93
N ALA A 310 9.08 -9.84 -12.13
CA ALA A 310 9.40 -9.01 -13.29
C ALA A 310 8.21 -8.22 -13.83
N SER A 311 6.99 -8.74 -13.76
CA SER A 311 5.83 -8.06 -14.33
C SER A 311 5.43 -6.78 -13.59
N ILE A 312 5.78 -6.69 -12.32
CA ILE A 312 5.40 -5.54 -11.50
C ILE A 312 5.81 -4.20 -12.14
N LEU A 313 4.88 -3.24 -12.09
CA LEU A 313 5.11 -1.88 -12.60
C LEU A 313 5.40 -0.93 -11.44
N THR A 314 6.32 0.00 -11.65
CA THR A 314 6.72 0.96 -10.63
C THR A 314 6.98 2.33 -11.22
N PHE A 315 7.40 3.29 -10.40
CA PHE A 315 7.68 4.63 -10.90
C PHE A 315 8.78 4.61 -11.95
N TRP A 316 9.66 3.61 -11.91
CA TRP A 316 10.72 3.52 -12.92
C TRP A 316 10.10 3.41 -14.31
N ASP A 317 8.92 2.78 -14.39
CA ASP A 317 8.17 2.65 -15.64
C ASP A 317 7.01 3.64 -15.65
N ALA A 318 7.33 4.91 -15.42
CA ALA A 318 6.42 6.06 -15.32
C ALA A 318 5.16 5.98 -16.21
N ARG A 319 5.35 6.02 -17.53
CA ARG A 319 4.25 6.00 -18.50
C ARG A 319 3.28 4.84 -18.28
N LEU A 320 3.78 3.61 -18.23
CA LEU A 320 2.93 2.43 -18.04
C LEU A 320 2.37 2.36 -16.62
N TYR A 321 3.15 2.86 -15.68
CA TYR A 321 2.76 2.86 -14.28
C TYR A 321 1.53 3.75 -14.06
N LYS A 322 1.55 4.94 -14.65
CA LYS A 322 0.45 5.88 -14.54
C LYS A 322 -0.85 5.29 -15.08
N MET A 323 -0.74 4.55 -16.18
CA MET A 323 -1.89 3.91 -16.79
C MET A 323 -2.45 2.82 -15.89
N ALA A 324 -1.54 2.03 -15.32
CA ALA A 324 -1.92 0.94 -14.43
C ALA A 324 -2.61 1.47 -13.20
N VAL A 325 -2.03 2.50 -12.58
CA VAL A 325 -2.62 3.10 -11.40
C VAL A 325 -3.97 3.73 -11.77
N GLY A 326 -4.02 4.32 -12.97
CA GLY A 326 -5.25 4.93 -13.47
C GLY A 326 -6.36 3.90 -13.62
N PHE A 327 -6.04 2.74 -14.17
CA PHE A 327 -7.05 1.69 -14.32
C PHE A 327 -7.53 1.19 -12.96
N MET A 328 -6.60 0.99 -12.03
CA MET A 328 -6.93 0.52 -10.69
C MET A 328 -7.89 1.48 -9.99
N LEU A 329 -7.52 2.76 -9.96
CA LEU A 329 -8.32 3.77 -9.29
C LEU A 329 -9.68 4.00 -9.95
N ALA A 330 -9.80 3.70 -11.24
CA ALA A 330 -11.07 3.89 -11.93
C ALA A 330 -11.98 2.67 -11.72
N HIS A 331 -11.37 1.50 -11.62
CA HIS A 331 -12.13 0.26 -11.44
C HIS A 331 -12.66 0.10 -10.01
N PRO A 332 -13.91 -0.34 -9.87
CA PRO A 332 -14.62 -0.55 -8.60
C PRO A 332 -14.13 -1.66 -7.65
N TYR A 333 -13.27 -2.55 -8.13
CA TYR A 333 -12.80 -3.67 -7.31
C TYR A 333 -11.85 -3.24 -6.17
N GLY A 334 -12.12 -3.78 -4.97
CA GLY A 334 -11.33 -3.57 -3.76
C GLY A 334 -11.06 -2.18 -3.20
N PHE A 335 -10.23 -2.14 -2.16
CA PHE A 335 -9.81 -0.88 -1.52
C PHE A 335 -8.40 -0.57 -1.97
N THR A 336 -8.20 0.61 -2.54
CA THR A 336 -6.93 0.96 -3.17
C THR A 336 -5.90 1.67 -2.27
N ARG A 337 -4.67 1.21 -2.44
CA ARG A 337 -3.52 1.79 -1.76
C ARG A 337 -2.53 2.31 -2.79
N VAL A 338 -2.22 3.60 -2.70
CA VAL A 338 -1.28 4.23 -3.60
C VAL A 338 0.13 4.21 -3.01
N MET A 339 1.14 3.99 -3.85
CA MET A 339 2.52 3.95 -3.40
C MET A 339 3.22 5.29 -3.58
N SER A 340 4.11 5.59 -2.64
CA SER A 340 4.93 6.79 -2.61
C SER A 340 6.34 6.38 -2.18
N SER A 341 7.28 6.43 -3.11
CA SER A 341 8.62 5.96 -2.80
C SER A 341 9.69 7.02 -2.96
N TYR A 342 10.92 6.53 -2.82
CA TYR A 342 12.12 7.33 -2.99
C TYR A 342 13.01 6.66 -4.05
N ARG A 343 13.91 7.43 -4.65
CA ARG A 343 14.81 6.86 -5.63
C ARG A 343 16.04 6.28 -4.98
N TRP A 344 16.47 5.14 -5.49
CA TRP A 344 17.68 4.48 -5.05
C TRP A 344 18.48 4.09 -6.28
N PRO A 345 19.80 3.92 -6.14
CA PRO A 345 20.61 3.55 -7.30
C PRO A 345 20.50 2.11 -7.78
N ARG A 346 19.53 1.83 -8.63
CA ARG A 346 19.36 0.49 -9.16
C ARG A 346 20.61 0.09 -9.93
N GLN A 347 21.20 -1.04 -9.55
CA GLN A 347 22.41 -1.57 -10.17
C GLN A 347 22.19 -3.00 -10.62
N PHE A 348 21.82 -3.18 -11.89
CA PHE A 348 21.54 -4.52 -12.39
C PHE A 348 22.79 -5.28 -12.81
N GLN A 349 22.81 -6.53 -12.39
CA GLN A 349 23.87 -7.48 -12.68
C GLN A 349 23.29 -8.88 -12.78
N ASN A 350 23.27 -9.43 -13.98
CA ASN A 350 22.68 -10.75 -14.21
C ASN A 350 21.19 -10.72 -13.96
N GLY A 351 20.57 -9.60 -14.29
CA GLY A 351 19.13 -9.46 -14.11
C GLY A 351 18.64 -9.17 -12.71
N ASN A 352 19.55 -9.07 -11.74
CA ASN A 352 19.15 -8.78 -10.37
C ASN A 352 19.77 -7.47 -9.87
N ASP A 353 19.00 -6.71 -9.09
CA ASP A 353 19.43 -5.42 -8.56
C ASP A 353 20.17 -5.58 -7.23
N VAL A 354 21.48 -5.36 -7.25
CA VAL A 354 22.33 -5.53 -6.08
C VAL A 354 22.11 -4.41 -5.04
N ASN A 355 21.42 -3.34 -5.42
CA ASN A 355 21.19 -2.24 -4.50
C ASN A 355 19.75 -2.20 -3.99
N ASP A 356 19.11 -3.36 -3.92
CA ASP A 356 17.73 -3.43 -3.46
C ASP A 356 17.60 -3.21 -1.95
N TRP A 357 18.72 -3.20 -1.24
CA TRP A 357 18.74 -3.01 0.22
C TRP A 357 18.79 -1.53 0.62
N VAL A 358 19.33 -0.68 -0.25
CA VAL A 358 19.50 0.75 0.02
C VAL A 358 18.28 1.38 0.70
N GLY A 359 18.53 2.04 1.83
CA GLY A 359 17.48 2.69 2.59
C GLY A 359 17.07 4.05 2.05
N PRO A 360 16.22 4.80 2.80
CA PRO A 360 15.74 6.12 2.41
C PRO A 360 16.83 7.18 2.28
N PRO A 361 16.54 8.27 1.56
CA PRO A 361 17.49 9.37 1.38
C PRO A 361 17.96 9.81 2.76
N ASN A 362 19.26 9.93 2.96
CA ASN A 362 19.74 10.28 4.29
C ASN A 362 21.08 10.99 4.27
N ASN A 363 21.35 11.62 5.40
CA ASN A 363 22.59 12.32 5.66
C ASN A 363 23.29 11.62 6.81
N ASN A 364 24.21 10.72 6.49
CA ASN A 364 24.93 9.94 7.50
C ASN A 364 23.95 9.13 8.34
N GLY A 365 22.90 8.60 7.71
CA GLY A 365 21.94 7.80 8.45
C GLY A 365 20.71 8.57 8.87
N VAL A 366 20.78 9.90 8.85
CA VAL A 366 19.64 10.73 9.23
C VAL A 366 18.76 11.00 8.00
N ILE A 367 17.56 10.42 8.01
CA ILE A 367 16.62 10.57 6.89
C ILE A 367 16.41 12.01 6.49
N LYS A 368 16.53 12.29 5.19
CA LYS A 368 16.34 13.65 4.67
C LYS A 368 14.88 14.05 4.72
N GLU A 369 14.64 15.32 4.98
CA GLU A 369 13.29 15.84 5.04
C GLU A 369 12.68 15.89 3.65
N VAL A 370 11.36 15.80 3.57
CA VAL A 370 10.71 15.87 2.26
C VAL A 370 10.51 17.32 1.88
N THR A 371 11.24 17.78 0.87
CA THR A 371 11.13 19.15 0.42
C THR A 371 10.15 19.24 -0.75
N ILE A 372 9.42 20.34 -0.83
CA ILE A 372 8.46 20.52 -1.91
C ILE A 372 8.95 21.57 -2.90
N ASN A 373 9.06 21.17 -4.16
CA ASN A 373 9.52 22.07 -5.21
C ASN A 373 8.42 23.03 -5.63
N PRO A 374 8.78 24.13 -6.30
CA PRO A 374 7.78 25.11 -6.75
C PRO A 374 6.63 24.53 -7.58
N ASP A 375 6.84 23.40 -8.25
CA ASP A 375 5.80 22.79 -9.08
C ASP A 375 5.09 21.65 -8.36
N THR A 376 5.17 21.63 -7.03
CA THR A 376 4.53 20.62 -6.16
C THR A 376 5.26 19.26 -6.14
N THR A 377 6.34 19.12 -6.90
CA THR A 377 7.08 17.85 -6.87
C THR A 377 7.95 17.81 -5.61
N CYS A 378 8.63 16.69 -5.38
CA CYS A 378 9.48 16.59 -4.19
C CYS A 378 10.96 16.53 -4.53
N GLY A 379 11.78 16.94 -3.57
CA GLY A 379 13.22 16.91 -3.74
C GLY A 379 13.81 15.95 -2.72
N ASN A 380 15.13 15.89 -2.63
CA ASN A 380 15.83 15.02 -1.70
C ASN A 380 15.66 13.54 -2.07
N ASP A 381 15.40 13.28 -3.35
CA ASP A 381 15.25 11.94 -3.89
C ASP A 381 13.95 11.26 -3.52
N TRP A 382 12.95 12.03 -3.09
CA TRP A 382 11.65 11.44 -2.82
C TRP A 382 10.81 11.51 -4.09
N VAL A 383 10.33 10.37 -4.56
CA VAL A 383 9.54 10.33 -5.80
C VAL A 383 8.19 11.01 -5.66
N CYS A 384 7.47 10.75 -4.57
CA CYS A 384 6.16 11.38 -4.34
C CYS A 384 5.17 11.14 -5.49
N GLU A 385 4.95 9.86 -5.84
CA GLU A 385 4.02 9.51 -6.90
C GLU A 385 2.62 10.06 -6.63
N HIS A 386 2.25 10.13 -5.36
CA HIS A 386 0.93 10.60 -4.98
C HIS A 386 0.74 12.07 -5.34
N ARG A 387 1.83 12.75 -5.68
CA ARG A 387 1.74 14.14 -6.07
C ARG A 387 1.70 14.29 -7.60
N TRP A 388 1.93 13.21 -8.33
CA TRP A 388 1.85 13.28 -9.80
C TRP A 388 0.43 13.63 -10.20
N ARG A 389 0.27 14.63 -11.08
CA ARG A 389 -1.05 15.08 -11.51
C ARG A 389 -1.95 13.92 -11.95
N GLN A 390 -1.41 13.01 -12.76
CA GLN A 390 -2.16 11.88 -13.28
C GLN A 390 -2.64 10.94 -12.18
N ILE A 391 -1.85 10.84 -11.11
CA ILE A 391 -2.21 9.95 -10.01
C ILE A 391 -3.10 10.66 -9.01
N ARG A 392 -2.74 11.87 -8.65
CA ARG A 392 -3.53 12.64 -7.71
C ARG A 392 -4.95 12.85 -8.25
N ASN A 393 -5.05 13.15 -9.53
CA ASN A 393 -6.35 13.39 -10.13
C ASN A 393 -7.20 12.13 -10.24
N MET A 394 -6.55 10.97 -10.25
CA MET A 394 -7.30 9.71 -10.31
C MET A 394 -7.76 9.32 -8.90
N VAL A 395 -7.05 9.81 -7.89
CA VAL A 395 -7.47 9.56 -6.52
C VAL A 395 -8.79 10.29 -6.28
N ILE A 396 -8.86 11.52 -6.79
CA ILE A 396 -10.06 12.33 -6.70
C ILE A 396 -11.17 11.74 -7.56
N PHE A 397 -10.79 11.21 -8.70
CA PHE A 397 -11.74 10.57 -9.61
C PHE A 397 -12.48 9.43 -8.89
N ARG A 398 -11.75 8.66 -8.10
CA ARG A 398 -12.34 7.55 -7.37
C ARG A 398 -13.36 8.05 -6.37
N ASN A 399 -13.04 9.16 -5.71
CA ASN A 399 -13.94 9.74 -4.71
C ASN A 399 -15.24 10.20 -5.35
N VAL A 400 -15.12 10.83 -6.52
CA VAL A 400 -16.27 11.34 -7.24
C VAL A 400 -17.20 10.23 -7.73
N VAL A 401 -16.63 9.12 -8.20
CA VAL A 401 -17.46 8.03 -8.74
C VAL A 401 -17.79 6.95 -7.71
N ASP A 402 -17.38 7.14 -6.46
CA ASP A 402 -17.67 6.14 -5.44
C ASP A 402 -19.15 5.75 -5.42
N GLY A 403 -19.42 4.45 -5.53
CA GLY A 403 -20.78 3.97 -5.51
C GLY A 403 -21.41 3.66 -6.86
N GLN A 404 -20.93 4.32 -7.91
CA GLN A 404 -21.45 4.11 -9.27
C GLN A 404 -21.03 2.76 -9.84
N PRO A 405 -21.94 2.10 -10.59
CA PRO A 405 -21.65 0.80 -11.19
C PRO A 405 -20.70 0.85 -12.39
N PHE A 406 -20.28 -0.34 -12.81
CA PHE A 406 -19.41 -0.51 -13.97
C PHE A 406 -20.26 -0.62 -15.23
N THR A 407 -20.15 0.33 -16.14
CA THR A 407 -20.96 0.28 -17.35
C THR A 407 -20.24 0.87 -18.54
N ASN A 408 -20.92 0.77 -19.68
CA ASN A 408 -20.49 1.28 -20.98
C ASN A 408 -19.08 0.85 -21.37
N TRP A 409 -18.78 -0.44 -21.23
CA TRP A 409 -17.46 -0.95 -21.58
C TRP A 409 -17.27 -1.01 -23.09
N TYR A 410 -16.05 -0.77 -23.53
CA TYR A 410 -15.71 -0.83 -24.95
C TYR A 410 -14.28 -1.33 -25.15
N ASP A 411 -14.05 -2.09 -26.21
CA ASP A 411 -12.72 -2.58 -26.54
C ASP A 411 -12.62 -2.90 -28.03
N ASN A 412 -11.44 -2.75 -28.60
CA ASN A 412 -11.22 -3.02 -30.01
C ASN A 412 -10.66 -4.43 -30.21
N GLY A 413 -10.97 -5.32 -29.29
CA GLY A 413 -10.48 -6.68 -29.40
C GLY A 413 -8.98 -6.76 -29.21
N SER A 414 -8.36 -5.62 -28.89
CA SER A 414 -6.91 -5.59 -28.68
C SER A 414 -6.53 -4.87 -27.38
N ASN A 415 -5.95 -3.67 -27.49
CA ASN A 415 -5.50 -2.94 -26.30
C ASN A 415 -6.14 -1.56 -26.16
N GLN A 416 -7.28 -1.34 -26.79
CA GLN A 416 -7.96 -0.06 -26.65
C GLN A 416 -9.31 -0.29 -25.97
N VAL A 417 -9.39 0.12 -24.71
CA VAL A 417 -10.62 -0.09 -23.96
C VAL A 417 -11.12 1.19 -23.33
N ALA A 418 -12.35 1.13 -22.85
CA ALA A 418 -12.98 2.25 -22.19
C ALA A 418 -14.17 1.77 -21.39
N PHE A 419 -14.49 2.49 -20.33
CA PHE A 419 -15.62 2.15 -19.50
C PHE A 419 -15.99 3.30 -18.60
N GLY A 420 -17.21 3.24 -18.06
CA GLY A 420 -17.62 4.31 -17.19
C GLY A 420 -18.07 3.80 -15.83
N ARG A 421 -18.32 4.76 -14.96
CA ARG A 421 -18.81 4.50 -13.62
C ARG A 421 -20.11 5.28 -13.44
N GLY A 422 -21.23 4.58 -13.62
CA GLY A 422 -22.52 5.24 -13.51
C GLY A 422 -22.54 6.42 -14.47
N ASN A 423 -23.09 7.53 -14.01
CA ASN A 423 -23.15 8.73 -14.82
C ASN A 423 -22.28 9.82 -14.24
N ARG A 424 -21.25 9.41 -13.51
CA ARG A 424 -20.34 10.33 -12.83
C ARG A 424 -18.91 10.27 -13.37
N GLY A 425 -18.60 9.31 -14.23
CA GLY A 425 -17.24 9.22 -14.74
C GLY A 425 -17.01 8.33 -15.94
N PHE A 426 -15.94 8.60 -16.68
CA PHE A 426 -15.58 7.82 -17.86
C PHE A 426 -14.07 7.87 -18.11
N ILE A 427 -13.50 6.75 -18.55
CA ILE A 427 -12.07 6.68 -18.81
C ILE A 427 -11.77 5.87 -20.07
N VAL A 428 -10.77 6.32 -20.83
CA VAL A 428 -10.39 5.68 -22.09
C VAL A 428 -8.89 5.39 -22.13
N PHE A 429 -8.54 4.19 -22.61
CA PHE A 429 -7.13 3.80 -22.69
C PHE A 429 -6.75 3.36 -24.10
N ASN A 430 -5.57 3.78 -24.55
CA ASN A 430 -5.04 3.35 -25.84
C ASN A 430 -3.66 2.77 -25.62
N ASN A 431 -3.56 1.44 -25.61
CA ASN A 431 -2.29 0.75 -25.40
C ASN A 431 -1.85 -0.02 -26.64
N ASP A 432 -2.45 0.27 -27.79
CA ASP A 432 -2.04 -0.39 -29.02
C ASP A 432 -0.96 0.42 -29.70
N ASP A 433 -0.29 -0.14 -30.71
CA ASP A 433 0.78 0.60 -31.37
C ASP A 433 0.26 1.52 -32.47
N TRP A 434 -1.04 1.81 -32.44
CA TRP A 434 -1.63 2.73 -33.42
C TRP A 434 -2.61 3.68 -32.73
N SER A 435 -2.88 4.82 -33.36
CA SER A 435 -3.74 5.86 -32.80
C SER A 435 -5.17 5.38 -32.56
N PHE A 436 -5.81 6.05 -31.62
CA PHE A 436 -7.20 5.78 -31.28
C PHE A 436 -8.04 7.02 -31.54
N SER A 437 -9.08 6.85 -32.35
CA SER A 437 -9.97 7.94 -32.70
C SER A 437 -11.39 7.42 -32.84
N LEU A 438 -12.25 7.69 -31.87
CA LEU A 438 -13.60 7.16 -31.92
C LEU A 438 -14.58 7.96 -31.08
N THR A 439 -15.86 7.78 -31.40
CA THR A 439 -16.95 8.39 -30.67
C THR A 439 -17.60 7.32 -29.80
N LEU A 440 -17.52 7.49 -28.48
CA LEU A 440 -18.07 6.48 -27.56
C LEU A 440 -19.25 7.00 -26.75
N GLN A 441 -19.99 6.05 -26.19
CA GLN A 441 -21.10 6.35 -25.31
C GLN A 441 -20.54 6.46 -23.90
N THR A 442 -20.60 7.65 -23.31
CA THR A 442 -20.00 7.87 -21.99
C THR A 442 -20.99 7.77 -20.85
N GLY A 443 -22.29 7.94 -21.11
CA GLY A 443 -23.27 7.87 -20.03
C GLY A 443 -23.27 9.11 -19.14
N LEU A 444 -22.52 10.13 -19.55
CA LEU A 444 -22.43 11.38 -18.81
C LEU A 444 -23.39 12.42 -19.37
N PRO A 445 -23.82 13.39 -18.54
CA PRO A 445 -24.75 14.42 -19.03
C PRO A 445 -23.99 15.35 -19.98
N ALA A 446 -24.71 15.94 -20.93
CA ALA A 446 -24.11 16.84 -21.92
C ALA A 446 -23.30 17.96 -21.26
N GLY A 447 -22.26 18.39 -21.96
CA GLY A 447 -21.42 19.45 -21.46
C GLY A 447 -19.96 19.31 -21.84
N THR A 448 -19.15 20.29 -21.46
CA THR A 448 -17.72 20.27 -21.75
C THR A 448 -16.94 19.85 -20.50
N TYR A 449 -16.15 18.79 -20.63
CA TYR A 449 -15.39 18.26 -19.51
C TYR A 449 -13.90 18.42 -19.71
N CYS A 450 -13.21 18.66 -18.61
CA CYS A 450 -11.76 18.78 -18.63
C CYS A 450 -11.12 17.42 -18.45
N ASP A 451 -10.11 17.13 -19.25
CA ASP A 451 -9.38 15.88 -19.09
C ASP A 451 -8.44 16.02 -17.90
N VAL A 452 -8.66 15.23 -16.85
CA VAL A 452 -7.87 15.33 -15.63
C VAL A 452 -6.50 14.63 -15.73
N ILE A 453 -6.22 13.98 -16.85
CA ILE A 453 -4.91 13.34 -16.99
C ILE A 453 -3.90 14.32 -17.60
N SER A 454 -4.31 14.97 -18.69
CA SER A 454 -3.46 15.94 -19.38
C SER A 454 -3.45 17.29 -18.68
N GLY A 455 -4.53 17.61 -17.97
CA GLY A 455 -4.57 18.89 -17.30
C GLY A 455 -5.42 18.93 -16.05
N ASP A 456 -5.99 20.10 -15.78
CA ASP A 456 -6.83 20.32 -14.62
C ASP A 456 -7.91 21.35 -14.91
N LYS A 457 -9.01 21.30 -14.18
CA LYS A 457 -9.99 22.34 -14.32
C LYS A 457 -9.63 23.44 -13.38
N ILE A 458 -9.30 24.61 -13.92
CA ILE A 458 -8.91 25.72 -13.07
C ILE A 458 -9.78 26.92 -13.33
N ASN A 459 -10.63 27.24 -12.36
CA ASN A 459 -11.57 28.35 -12.39
C ASN A 459 -12.15 28.58 -13.80
N GLY A 460 -13.13 27.75 -14.16
CA GLY A 460 -13.78 27.89 -15.46
C GLY A 460 -13.11 27.40 -16.73
N ASN A 461 -11.94 26.76 -16.65
CA ASN A 461 -11.27 26.26 -17.84
C ASN A 461 -10.42 25.05 -17.57
N CYS A 462 -9.98 24.44 -18.66
CA CYS A 462 -9.11 23.28 -18.66
C CYS A 462 -7.72 23.67 -19.11
N THR A 463 -6.71 23.17 -18.40
CA THR A 463 -5.33 23.46 -18.75
C THR A 463 -4.81 22.43 -19.73
N GLY A 464 -5.71 21.53 -20.14
CA GLY A 464 -5.35 20.48 -21.08
C GLY A 464 -6.49 20.12 -22.02
N ILE A 465 -6.53 18.86 -22.42
CA ILE A 465 -7.55 18.37 -23.33
C ILE A 465 -8.94 18.62 -22.79
N LYS A 466 -9.87 18.91 -23.71
CA LYS A 466 -11.27 19.14 -23.39
C LYS A 466 -12.14 18.19 -24.20
N ILE A 467 -13.11 17.57 -23.53
CA ILE A 467 -14.01 16.65 -24.20
C ILE A 467 -15.43 17.21 -24.23
N TYR A 468 -16.09 17.03 -25.36
CA TYR A 468 -17.45 17.53 -25.53
C TYR A 468 -18.46 16.39 -25.58
N VAL A 469 -19.37 16.38 -24.60
CA VAL A 469 -20.40 15.35 -24.53
C VAL A 469 -21.74 15.90 -25.01
N SER A 470 -22.36 15.22 -25.98
CA SER A 470 -23.63 15.63 -26.54
C SER A 470 -24.82 15.16 -25.71
N ASP A 471 -26.01 15.55 -26.15
CA ASP A 471 -27.26 15.21 -25.47
C ASP A 471 -27.43 13.71 -25.27
N ASP A 472 -27.04 12.91 -26.27
CA ASP A 472 -27.19 11.47 -26.16
C ASP A 472 -26.04 10.83 -25.38
N GLY A 473 -25.26 11.66 -24.71
CA GLY A 473 -24.15 11.15 -23.92
C GLY A 473 -22.93 10.68 -24.69
N LYS A 474 -22.94 10.83 -26.00
CA LYS A 474 -21.79 10.41 -26.80
C LYS A 474 -20.73 11.51 -26.83
N ALA A 475 -19.47 11.11 -26.97
CA ALA A 475 -18.35 12.04 -27.04
C ALA A 475 -17.21 11.46 -27.89
N HIS A 476 -16.41 12.31 -28.51
CA HIS A 476 -15.33 11.82 -29.34
C HIS A 476 -13.98 11.87 -28.61
N PHE A 477 -13.19 10.82 -28.77
CA PHE A 477 -11.89 10.76 -28.12
C PHE A 477 -10.78 10.49 -29.12
N SER A 478 -9.64 11.17 -28.92
CA SER A 478 -8.49 11.01 -29.79
C SER A 478 -7.22 10.83 -28.98
N ILE A 479 -6.59 9.67 -29.12
CA ILE A 479 -5.36 9.41 -28.40
C ILE A 479 -4.34 8.75 -29.29
N SER A 480 -3.32 9.50 -29.67
CA SER A 480 -2.28 8.91 -30.50
C SER A 480 -1.43 8.00 -29.64
N ASN A 481 -0.89 6.95 -30.23
CA ASN A 481 -0.04 6.04 -29.48
C ASN A 481 1.25 6.74 -29.06
N SER A 482 1.33 8.04 -29.38
CA SER A 482 2.52 8.84 -29.09
C SER A 482 2.30 9.85 -27.96
N ALA A 483 1.10 9.88 -27.39
CA ALA A 483 0.82 10.81 -26.30
C ALA A 483 1.66 10.49 -25.07
N GLU A 484 2.02 11.50 -24.28
CA GLU A 484 2.79 11.24 -23.07
C GLU A 484 2.02 10.30 -22.16
N ASP A 485 0.72 10.58 -22.04
CA ASP A 485 -0.21 9.77 -21.27
C ASP A 485 -1.31 9.27 -22.19
N PRO A 486 -1.20 8.02 -22.69
CA PRO A 486 -2.16 7.40 -23.60
C PRO A 486 -3.53 7.03 -23.05
N PHE A 487 -4.08 7.90 -22.20
CA PHE A 487 -5.40 7.67 -21.65
C PHE A 487 -6.03 8.98 -21.17
N ILE A 488 -7.35 9.07 -21.26
CA ILE A 488 -8.09 10.27 -20.88
C ILE A 488 -9.16 9.92 -19.85
N ALA A 489 -9.34 10.79 -18.84
CA ALA A 489 -10.35 10.55 -17.82
C ALA A 489 -11.12 11.84 -17.49
N ILE A 490 -12.44 11.74 -17.47
CA ILE A 490 -13.31 12.87 -17.15
C ILE A 490 -14.38 12.44 -16.15
N HIS A 491 -14.79 13.34 -15.27
CA HIS A 491 -15.83 13.03 -14.28
C HIS A 491 -16.70 14.25 -14.00
N ALA A 492 -17.75 14.04 -13.20
CA ALA A 492 -18.71 15.08 -12.85
C ALA A 492 -18.05 16.35 -12.28
N GLU A 493 -16.95 16.22 -11.55
CA GLU A 493 -16.32 17.40 -10.96
C GLU A 493 -15.34 18.10 -11.90
N SER A 494 -15.04 17.53 -13.06
CA SER A 494 -14.14 18.19 -14.01
C SER A 494 -14.97 18.81 -15.14
N LYS A 495 -16.27 18.85 -14.89
CA LYS A 495 -17.26 19.40 -15.79
C LYS A 495 -17.23 20.93 -15.73
N LEU A 496 -17.30 21.57 -16.89
CA LEU A 496 -17.27 23.02 -16.96
C LEU A 496 -18.68 23.60 -16.92
C1 NAG B . -11.37 30.80 -18.82
C2 NAG B . -12.07 31.99 -18.15
C3 NAG B . -12.49 32.98 -19.25
C4 NAG B . -11.27 33.46 -20.07
C5 NAG B . -10.48 32.24 -20.65
C6 NAG B . -9.11 32.64 -21.26
C7 NAG B . -13.31 31.58 -16.04
C8 NAG B . -14.65 31.13 -15.48
N2 NAG B . -13.29 31.57 -17.40
O3 NAG B . -13.17 34.11 -18.68
O4 NAG B . -11.70 34.25 -21.18
O5 NAG B . -10.23 31.28 -19.55
O6 NAG B . -8.41 31.50 -21.78
O7 NAG B . -12.37 31.92 -15.32
C1A ARE C . 16.86 -9.79 6.03
C2A ARE C . 17.86 -10.43 5.02
C3A ARE C . 18.00 -11.95 5.26
C4A ARE C . 18.42 -12.18 6.71
C5A ARE C . 17.39 -11.53 7.71
C6A ARE C . 17.79 -11.64 9.20
O2A ARE C . 17.47 -10.14 3.68
O3A ARE C . 18.97 -12.47 4.40
O4A ARE C . 18.55 -13.58 6.98
O5A ARE C . 17.25 -10.12 7.39
O6A ARE C . 18.01 -12.99 9.58
C1B ARE C . 11.97 -7.85 4.94
C2B ARE C . 12.94 -8.23 3.77
C3B ARE C . 13.91 -9.37 4.11
C4B ARE C . 14.60 -9.13 5.47
C5B ARE C . 13.49 -9.00 6.55
C6B ARE C . 14.07 -8.78 7.96
O2B ARE C . 12.19 -8.59 2.62
O3B ARE C . 14.89 -9.49 3.09
O4B ARE C . 15.50 -10.23 5.78
O5B ARE C . 12.64 -7.87 6.23
O6B ARE C . 14.73 -7.52 8.04
C1C ARE C . 7.86 -13.86 2.52
C2C ARE C . 6.77 -13.58 3.60
C3C ARE C . 6.27 -12.12 3.61
C4C ARE C . 7.47 -11.12 3.61
C5C ARE C . 8.38 -11.46 2.39
C6C ARE C . 9.59 -10.53 2.34
O2C ARE C . 5.67 -14.45 3.38
O3C ARE C . 5.48 -11.90 4.75
O5C ARE C . 8.86 -12.83 2.48
N4C ARE C . 6.95 -9.72 3.46
C1H ARE C . 6.73 -8.78 4.65
C2H ARE C . 7.30 -7.40 4.31
C3H ARE C . 8.84 -7.52 4.12
C4H ARE C . 9.59 -8.11 5.37
C5H ARE C . 8.76 -9.16 6.21
C6H ARE C . 7.40 -9.16 5.99
C7H ARE C . 9.38 -9.91 7.37
O2H ARE C . 6.70 -6.95 3.12
O3H ARE C . 9.37 -6.25 3.82
O4H ARE C . 10.84 -8.71 4.96
O7H ARE C . 9.50 -9.20 8.59
C1G ARE C . 7.27 -17.03 -1.78
C2G ARE C . 6.24 -17.14 -0.63
C3G ARE C . 6.09 -15.78 0.07
C4G ARE C . 7.46 -15.32 0.62
C5G ARE C . 8.46 -15.23 -0.58
C6G ARE C . 9.89 -14.86 -0.13
O1G ARE C . 6.79 -16.20 -2.82
O2G ARE C . 4.99 -17.55 -1.16
O3G ARE C . 5.14 -15.89 1.11
O4G ARE C . 7.28 -14.01 1.23
O5G ARE C . 8.52 -16.51 -1.27
O6G ARE C . 10.47 -15.90 0.65
CA CA D . 5.31 -17.37 12.98
CL CL E . 1.70 -5.04 1.73
#